data_8DQ5
#
_entry.id   8DQ5
#
_cell.length_a   53.771
_cell.length_b   53.771
_cell.length_c   221.288
_cell.angle_alpha   90.000
_cell.angle_beta   90.000
_cell.angle_gamma   120.000
#
_symmetry.space_group_name_H-M   'P 31'
#
loop_
_entity.id
_entity.type
_entity.pdbx_description
1 polymer 'Ribonucleoside-diphosphate reductase'
2 non-polymer 'MANGANESE (II) ION'
3 non-polymer 'MAGNESIUM ION'
4 water water
#
_entity_poly.entity_id   1
_entity_poly.type   'polypeptide(L)'
_entity_poly.pdbx_seq_one_letter_code
;GSSHHHHHHSSGLVPRGSHMSIFDKRVNYKPFEYPEVLQFTEAINKAYWVHTEVDFTADTQDFHAHLSLAEKTAVKNSLL
AIAQIEVAVKSFWGNIYEHFPKPEFNGLGSTFAECEFRHSEAYSRLLEVLGYNDEFEKLLDVPVIRRRVDYLSNVLKDTK
SQDNRKYMVSLILFSILIENVSLFSQFAILLSFTRFKGYMKNVSNIIAWISIDEQIHANGGIYIINKIREEFPDYFDEET
LALVRETVKDSIAVESDILDWIFEEGEIESIKKGDLVNFMKFRIDESLKQINIPVIFDVKVEDYKALAWFEEEVFANSLD
DFFAKRPVEYTKHDKSITANDLF
;
_entity_poly.pdbx_strand_id   A,B
#
loop_
_chem_comp.id
_chem_comp.type
_chem_comp.name
_chem_comp.formula
MG non-polymer 'MAGNESIUM ION' 'Mg 2'
MN non-polymer 'MANGANESE (II) ION' 'Mn 2'
#
# COMPACT_ATOMS: atom_id res chain seq x y z
N MET A 20 1.40 -27.44 -3.74
CA MET A 20 2.40 -26.46 -3.30
C MET A 20 2.03 -25.87 -1.95
N SER A 21 3.02 -25.28 -1.27
CA SER A 21 2.84 -24.71 0.05
C SER A 21 2.80 -23.19 -0.04
N ILE A 22 2.69 -22.55 1.13
CA ILE A 22 2.67 -21.09 1.19
C ILE A 22 4.02 -20.49 0.87
N PHE A 23 5.11 -21.27 1.00
CA PHE A 23 6.44 -20.80 0.69
C PHE A 23 6.84 -21.03 -0.77
N ASP A 24 5.99 -21.68 -1.56
CA ASP A 24 6.30 -21.99 -2.94
C ASP A 24 5.67 -20.97 -3.87
N LYS A 25 6.40 -20.64 -4.94
CA LYS A 25 5.97 -19.60 -5.87
C LYS A 25 4.92 -20.14 -6.83
N ARG A 26 3.83 -19.38 -6.99
CA ARG A 26 2.81 -19.66 -8.01
C ARG A 26 2.75 -18.49 -8.97
N VAL A 27 2.76 -18.79 -10.28
CA VAL A 27 2.90 -17.76 -11.29
C VAL A 27 1.56 -17.14 -11.68
N ASN A 28 0.52 -17.95 -11.85
CA ASN A 28 -0.76 -17.42 -12.29
C ASN A 28 -1.38 -16.53 -11.21
N TYR A 29 -1.95 -15.41 -11.66
CA TYR A 29 -2.49 -14.42 -10.72
C TYR A 29 -3.64 -15.00 -9.92
N LYS A 30 -4.67 -15.50 -10.60
CA LYS A 30 -5.85 -16.06 -9.99
C LYS A 30 -6.16 -17.40 -10.63
N PRO A 31 -6.88 -18.30 -9.92
CA PRO A 31 -7.48 -18.17 -8.59
C PRO A 31 -6.49 -18.01 -7.44
N PHE A 32 -6.89 -17.22 -6.45
CA PHE A 32 -6.06 -17.01 -5.26
C PHE A 32 -6.04 -18.27 -4.40
N GLU A 33 -4.84 -18.75 -4.07
CA GLU A 33 -4.72 -19.84 -3.11
C GLU A 33 -5.10 -19.42 -1.70
N TYR A 34 -5.00 -18.12 -1.39
CA TYR A 34 -5.34 -17.58 -0.08
C TYR A 34 -6.23 -16.35 -0.28
N PRO A 35 -7.48 -16.58 -0.69
CA PRO A 35 -8.37 -15.44 -1.02
C PRO A 35 -8.74 -14.59 0.19
N GLU A 36 -8.52 -15.07 1.42
CA GLU A 36 -8.79 -14.27 2.60
C GLU A 36 -7.88 -13.06 2.70
N VAL A 37 -6.85 -12.97 1.87
CA VAL A 37 -6.03 -11.76 1.79
C VAL A 37 -6.90 -10.55 1.49
N LEU A 38 -7.90 -10.73 0.62
CA LEU A 38 -8.75 -9.62 0.20
C LEU A 38 -9.52 -9.03 1.38
N GLN A 39 -9.86 -9.83 2.39
CA GLN A 39 -10.55 -9.30 3.55
C GLN A 39 -9.68 -8.27 4.29
N PHE A 40 -8.37 -8.47 4.32
CA PHE A 40 -7.50 -7.50 4.97
C PHE A 40 -7.24 -6.29 4.09
N THR A 41 -7.03 -6.50 2.79
CA THR A 41 -6.79 -5.36 1.90
C THR A 41 -8.04 -4.51 1.76
N GLU A 42 -9.21 -5.13 1.59
CA GLU A 42 -10.45 -4.36 1.52
C GLU A 42 -10.70 -3.58 2.81
N ALA A 43 -10.34 -4.17 3.96
CA ALA A 43 -10.47 -3.45 5.21
C ALA A 43 -9.60 -2.20 5.22
N ILE A 44 -8.37 -2.30 4.72
CA ILE A 44 -7.52 -1.12 4.58
C ILE A 44 -8.14 -0.14 3.59
N ASN A 45 -8.65 -0.65 2.46
CA ASN A 45 -9.24 0.23 1.45
C ASN A 45 -10.45 0.98 1.99
N LYS A 46 -11.30 0.30 2.75
CA LYS A 46 -12.49 0.95 3.29
C LYS A 46 -12.13 1.99 4.33
N ALA A 47 -11.07 1.76 5.12
CA ALA A 47 -10.63 2.68 6.14
C ALA A 47 -9.56 3.65 5.64
N TYR A 48 -9.44 3.82 4.32
CA TYR A 48 -8.36 4.63 3.77
C TYR A 48 -8.46 6.08 4.24
N TRP A 49 -7.31 6.66 4.55
CA TRP A 49 -7.24 8.00 5.14
C TRP A 49 -5.84 8.55 4.92
N VAL A 50 -5.74 9.87 4.95
CA VAL A 50 -4.44 10.55 4.94
C VAL A 50 -4.47 11.63 6.02
N HIS A 51 -3.29 11.92 6.58
CA HIS A 51 -3.22 12.87 7.68
C HIS A 51 -3.53 14.30 7.24
N THR A 52 -3.42 14.60 5.94
CA THR A 52 -3.77 15.93 5.46
C THR A 52 -5.26 16.23 5.58
N GLU A 53 -6.08 15.22 5.88
CA GLU A 53 -7.48 15.46 6.22
C GLU A 53 -7.66 16.00 7.63
N VAL A 54 -6.57 16.16 8.38
CA VAL A 54 -6.60 16.57 9.78
C VAL A 54 -5.78 17.83 9.95
N ASP A 55 -6.33 18.79 10.69
CA ASP A 55 -5.61 20.01 11.08
C ASP A 55 -5.47 20.02 12.59
N PHE A 56 -4.25 20.29 13.08
CA PHE A 56 -3.95 20.22 14.49
C PHE A 56 -3.87 21.58 15.16
N THR A 57 -4.52 22.60 14.59
CA THR A 57 -4.47 23.93 15.19
C THR A 57 -5.12 23.95 16.57
N ALA A 58 -6.29 23.34 16.69
CA ALA A 58 -6.97 23.28 17.98
C ALA A 58 -6.19 22.46 18.99
N ASP A 59 -5.44 21.45 18.52
CA ASP A 59 -4.65 20.64 19.44
C ASP A 59 -3.42 21.38 19.94
N THR A 60 -2.83 22.23 19.09
CA THR A 60 -1.71 23.06 19.54
C THR A 60 -2.13 24.03 20.64
N GLN A 61 -3.37 24.52 20.59
CA GLN A 61 -3.84 25.47 21.59
C GLN A 61 -4.17 24.79 22.91
N ASP A 62 -4.82 23.62 22.86
CA ASP A 62 -5.06 22.86 24.08
C ASP A 62 -3.74 22.40 24.69
N PHE A 63 -2.78 22.02 23.86
CA PHE A 63 -1.47 21.60 24.36
C PHE A 63 -0.74 22.75 25.04
N HIS A 64 -0.78 23.95 24.43
CA HIS A 64 -0.02 25.08 24.95
C HIS A 64 -0.65 25.66 26.20
N ALA A 65 -1.97 25.59 26.33
CA ALA A 65 -2.69 26.30 27.39
C ALA A 65 -3.24 25.41 28.49
N HIS A 66 -3.76 24.23 28.16
CA HIS A 66 -4.55 23.45 29.11
C HIS A 66 -3.89 22.13 29.52
N LEU A 67 -2.60 21.94 29.23
CA LEU A 67 -1.89 20.73 29.59
C LEU A 67 -0.75 21.08 30.54
N SER A 68 -0.63 20.31 31.63
CA SER A 68 0.46 20.51 32.56
C SER A 68 1.76 19.95 31.99
N LEU A 69 2.85 20.16 32.72
CA LEU A 69 4.15 19.65 32.28
C LEU A 69 4.17 18.12 32.28
N ALA A 70 3.56 17.50 33.29
CA ALA A 70 3.47 16.05 33.32
C ALA A 70 2.64 15.51 32.16
N GLU A 71 1.60 16.25 31.76
CA GLU A 71 0.78 15.83 30.64
C GLU A 71 1.44 16.14 29.30
N LYS A 72 2.07 17.32 29.19
CA LYS A 72 2.85 17.64 28.00
C LYS A 72 3.93 16.59 27.75
N THR A 73 4.63 16.18 28.80
CA THR A 73 5.66 15.16 28.65
C THR A 73 5.07 13.81 28.32
N ALA A 74 3.87 13.51 28.83
CA ALA A 74 3.24 12.23 28.52
C ALA A 74 2.89 12.15 27.04
N VAL A 75 2.35 13.24 26.46
CA VAL A 75 2.03 13.25 25.05
C VAL A 75 3.31 13.25 24.21
N LYS A 76 4.29 14.06 24.60
CA LYS A 76 5.50 14.21 23.80
C LYS A 76 6.32 12.92 23.78
N ASN A 77 6.48 12.27 24.94
CA ASN A 77 7.25 11.03 24.97
C ASN A 77 6.47 9.88 24.36
N SER A 78 5.14 9.94 24.38
CA SER A 78 4.35 8.92 23.70
C SER A 78 4.58 8.95 22.20
N LEU A 79 4.41 10.14 21.59
CA LEU A 79 4.64 10.26 20.16
C LEU A 79 6.08 9.97 19.77
N LEU A 80 7.04 10.32 20.63
CA LEU A 80 8.43 10.03 20.33
C LEU A 80 8.69 8.52 20.35
N ALA A 81 8.12 7.82 21.34
CA ALA A 81 8.30 6.37 21.42
C ALA A 81 7.67 5.66 20.22
N ILE A 82 6.49 6.13 19.79
CA ILE A 82 5.86 5.54 18.61
C ILE A 82 6.68 5.82 17.36
N ALA A 83 7.10 7.07 17.18
CA ALA A 83 7.84 7.46 15.99
C ALA A 83 9.21 6.80 15.92
N GLN A 84 9.76 6.38 17.07
CA GLN A 84 11.03 5.67 17.05
C GLN A 84 10.91 4.37 16.24
N ILE A 85 9.77 3.71 16.33
CA ILE A 85 9.55 2.47 15.58
C ILE A 85 8.90 2.73 14.23
N GLU A 86 7.97 3.69 14.17
CA GLU A 86 7.11 3.86 13.01
C GLU A 86 7.67 4.81 11.95
N VAL A 87 8.33 5.89 12.37
CA VAL A 87 8.93 6.83 11.43
C VAL A 87 10.29 6.26 11.02
N ALA A 88 10.29 5.39 10.02
CA ALA A 88 11.49 4.75 9.50
C ALA A 88 11.09 3.98 8.25
N VAL A 89 12.08 3.43 7.56
CA VAL A 89 11.83 2.58 6.40
C VAL A 89 11.52 1.17 6.93
N LYS A 90 10.23 0.83 6.97
CA LYS A 90 9.78 -0.49 7.39
C LYS A 90 9.60 -1.35 6.15
N SER A 91 10.41 -2.40 6.02
CA SER A 91 10.46 -3.20 4.81
C SER A 91 9.86 -4.60 4.98
N PHE A 92 9.39 -4.95 6.18
CA PHE A 92 8.88 -6.30 6.40
C PHE A 92 7.69 -6.60 5.50
N TRP A 93 6.61 -5.83 5.66
CA TRP A 93 5.39 -6.11 4.90
C TRP A 93 5.62 -5.93 3.40
N GLY A 94 6.37 -4.90 3.01
CA GLY A 94 6.65 -4.69 1.60
C GLY A 94 7.46 -5.78 0.94
N ASN A 95 8.04 -6.70 1.73
CA ASN A 95 8.87 -7.77 1.19
C ASN A 95 8.39 -9.15 1.62
N ILE A 96 7.13 -9.30 2.03
CA ILE A 96 6.64 -10.62 2.43
C ILE A 96 6.49 -11.53 1.23
N TYR A 97 6.46 -10.98 0.01
CA TYR A 97 6.42 -11.81 -1.19
C TYR A 97 7.71 -12.61 -1.37
N GLU A 98 8.82 -12.14 -0.80
CA GLU A 98 10.08 -12.87 -0.92
C GLU A 98 10.01 -14.22 -0.20
N HIS A 99 9.18 -14.32 0.85
CA HIS A 99 9.03 -15.56 1.59
C HIS A 99 7.74 -16.29 1.26
N PHE A 100 6.66 -15.56 0.94
CA PHE A 100 5.41 -16.13 0.47
C PHE A 100 5.20 -15.66 -0.96
N PRO A 101 5.79 -16.35 -1.95
CA PRO A 101 5.76 -15.87 -3.34
C PRO A 101 4.40 -16.12 -4.01
N LYS A 102 3.35 -15.56 -3.43
CA LYS A 102 2.02 -15.61 -4.00
C LYS A 102 1.58 -14.21 -4.42
N PRO A 103 0.85 -14.08 -5.53
CA PRO A 103 0.32 -12.76 -5.91
C PRO A 103 -0.58 -12.14 -4.84
N GLU A 104 -1.24 -12.96 -4.01
CA GLU A 104 -2.06 -12.42 -2.92
C GLU A 104 -1.20 -11.65 -1.93
N PHE A 105 -0.10 -12.26 -1.49
CA PHE A 105 0.72 -11.66 -0.44
C PHE A 105 1.55 -10.49 -0.95
N ASN A 106 1.84 -10.44 -2.25
CA ASN A 106 2.41 -9.22 -2.81
C ASN A 106 1.41 -8.08 -2.73
N GLY A 107 0.15 -8.35 -3.04
CA GLY A 107 -0.87 -7.32 -2.90
C GLY A 107 -1.13 -6.95 -1.45
N LEU A 108 -1.13 -7.95 -0.56
CA LEU A 108 -1.29 -7.66 0.87
C LEU A 108 -0.13 -6.85 1.39
N GLY A 109 1.10 -7.21 1.00
CA GLY A 109 2.27 -6.48 1.47
C GLY A 109 2.36 -5.07 0.92
N SER A 110 2.07 -4.91 -0.37
CA SER A 110 2.06 -3.57 -0.96
C SER A 110 0.99 -2.70 -0.31
N THR A 111 -0.18 -3.28 -0.03
CA THR A 111 -1.22 -2.54 0.65
C THR A 111 -0.77 -2.15 2.06
N PHE A 112 -0.11 -3.07 2.77
CA PHE A 112 0.34 -2.77 4.12
C PHE A 112 1.55 -1.83 4.11
N ALA A 113 2.44 -1.95 3.13
CA ALA A 113 3.60 -1.07 3.06
C ALA A 113 3.19 0.36 2.76
N GLU A 114 2.20 0.55 1.88
CA GLU A 114 1.68 1.89 1.63
C GLU A 114 1.03 2.46 2.88
N CYS A 115 0.32 1.62 3.63
CA CYS A 115 -0.28 2.08 4.88
C CYS A 115 0.77 2.57 5.85
N GLU A 116 1.92 1.89 5.90
CA GLU A 116 2.99 2.31 6.81
C GLU A 116 3.58 3.65 6.41
N PHE A 117 3.63 3.95 5.11
CA PHE A 117 4.12 5.25 4.67
C PHE A 117 3.13 6.36 5.04
N ARG A 118 1.84 6.06 4.99
CA ARG A 118 0.84 7.02 5.47
C ARG A 118 0.98 7.25 6.97
N HIS A 119 1.32 6.20 7.72
CA HIS A 119 1.49 6.34 9.17
C HIS A 119 2.72 7.19 9.49
N SER A 120 3.84 6.91 8.83
CA SER A 120 5.07 7.66 9.11
C SER A 120 4.90 9.14 8.78
N GLU A 121 4.19 9.45 7.69
CA GLU A 121 3.91 10.85 7.38
C GLU A 121 2.98 11.47 8.42
N ALA A 122 2.05 10.70 8.98
CA ALA A 122 1.17 11.22 10.01
C ALA A 122 1.94 11.49 11.30
N TYR A 123 2.84 10.58 11.68
CA TYR A 123 3.66 10.80 12.87
C TYR A 123 4.67 11.92 12.63
N SER A 124 5.24 11.97 11.42
CA SER A 124 6.20 13.03 11.11
C SER A 124 5.55 14.40 11.19
N ARG A 125 4.30 14.52 10.73
CA ARG A 125 3.59 15.78 10.82
C ARG A 125 3.30 16.15 12.28
N LEU A 126 3.01 15.14 13.11
CA LEU A 126 2.74 15.42 14.52
C LEU A 126 3.97 15.96 15.22
N LEU A 127 5.15 15.36 14.97
CA LEU A 127 6.38 15.85 15.57
C LEU A 127 6.74 17.24 15.06
N GLU A 128 6.40 17.56 13.82
CA GLU A 128 6.71 18.86 13.25
C GLU A 128 5.77 19.93 13.78
N VAL A 129 4.48 19.63 13.88
CA VAL A 129 3.51 20.63 14.33
C VAL A 129 3.73 20.96 15.80
N LEU A 130 4.00 19.94 16.62
CA LEU A 130 4.23 20.14 18.05
C LEU A 130 5.65 20.61 18.36
N GLY A 131 6.52 20.65 17.37
CA GLY A 131 7.88 21.15 17.58
C GLY A 131 8.79 20.21 18.32
N TYR A 132 8.78 18.92 17.95
CA TYR A 132 9.60 17.92 18.62
C TYR A 132 10.55 17.21 17.66
N ASN A 133 10.85 17.83 16.51
CA ASN A 133 11.77 17.23 15.57
C ASN A 133 13.18 17.14 16.13
N ASP A 134 13.58 18.14 16.93
CA ASP A 134 14.93 18.14 17.49
C ASP A 134 15.12 17.00 18.48
N GLU A 135 14.10 16.73 19.30
CA GLU A 135 14.21 15.63 20.25
C GLU A 135 14.19 14.28 19.55
N PHE A 136 13.52 14.19 18.40
CA PHE A 136 13.46 12.92 17.68
C PHE A 136 14.82 12.56 17.09
N GLU A 137 15.54 13.54 16.53
CA GLU A 137 16.87 13.26 16.00
C GLU A 137 17.84 12.87 17.10
N LYS A 138 17.59 13.30 18.34
CA LYS A 138 18.42 12.95 19.48
C LYS A 138 17.71 11.98 20.42
N LEU A 139 16.72 11.25 19.92
CA LEU A 139 16.03 10.27 20.76
C LEU A 139 16.93 9.13 21.18
N LEU A 140 17.98 8.86 20.42
CA LEU A 140 18.95 7.84 20.81
C LEU A 140 19.82 8.27 21.98
N ASP A 141 19.67 9.48 22.49
CA ASP A 141 20.35 9.88 23.72
C ASP A 141 19.60 9.45 24.97
N VAL A 142 18.40 8.90 24.82
CA VAL A 142 17.62 8.41 25.96
C VAL A 142 17.98 6.94 26.20
N PRO A 143 18.35 6.57 27.42
CA PRO A 143 18.76 5.17 27.65
C PRO A 143 17.66 4.16 27.40
N VAL A 144 16.42 4.45 27.83
CA VAL A 144 15.34 3.49 27.67
C VAL A 144 15.01 3.26 26.20
N ILE A 145 15.36 4.19 25.31
CA ILE A 145 15.09 4.00 23.89
C ILE A 145 16.10 3.05 23.26
N ARG A 146 17.38 3.22 23.58
CA ARG A 146 18.39 2.30 23.06
C ARG A 146 18.20 0.90 23.60
N ARG A 147 17.70 0.77 24.84
CA ARG A 147 17.43 -0.56 25.39
C ARG A 147 16.32 -1.25 24.61
N ARG A 148 15.34 -0.49 24.11
CA ARG A 148 14.33 -1.08 23.23
C ARG A 148 14.93 -1.37 21.85
N VAL A 149 15.71 -0.42 21.31
CA VAL A 149 16.36 -0.65 20.02
C VAL A 149 17.25 -1.89 20.11
N ASP A 150 17.95 -2.06 21.23
CA ASP A 150 18.72 -3.29 21.42
C ASP A 150 17.82 -4.50 21.57
N TYR A 151 16.70 -4.36 22.29
CA TYR A 151 15.76 -5.45 22.42
C TYR A 151 15.13 -5.81 21.07
N LEU A 152 14.64 -4.81 20.35
CA LEU A 152 14.08 -5.06 19.02
C LEU A 152 15.16 -5.55 18.05
N SER A 153 16.43 -5.22 18.32
CA SER A 153 17.56 -5.77 17.57
C SER A 153 17.99 -7.15 18.06
N ASN A 154 17.09 -7.89 18.68
CA ASN A 154 17.26 -9.31 18.93
C ASN A 154 15.98 -10.11 18.76
N VAL A 155 14.83 -9.45 18.61
CA VAL A 155 13.56 -10.14 18.43
C VAL A 155 13.16 -10.25 16.96
N LEU A 156 13.72 -9.42 16.08
CA LEU A 156 13.42 -9.46 14.65
C LEU A 156 14.70 -9.57 13.83
N LYS A 157 15.60 -10.45 14.24
CA LYS A 157 16.87 -10.57 13.53
C LYS A 157 16.78 -11.53 12.35
N ASP A 158 15.78 -12.41 12.32
CA ASP A 158 15.51 -13.25 11.17
C ASP A 158 14.37 -12.70 10.34
N THR A 159 14.36 -11.39 10.12
CA THR A 159 13.36 -10.72 9.29
C THR A 159 13.44 -11.20 7.85
N ASP A 163 15.77 -19.65 5.92
CA ASP A 163 15.02 -20.48 6.85
C ASP A 163 13.59 -19.97 6.99
N ASN A 164 12.63 -20.83 6.64
CA ASN A 164 11.23 -20.48 6.77
C ASN A 164 10.78 -20.48 8.23
N ARG A 165 11.41 -21.29 9.07
CA ARG A 165 10.96 -21.42 10.46
C ARG A 165 11.47 -20.31 11.35
N LYS A 166 12.71 -19.84 11.14
CA LYS A 166 13.17 -18.65 11.85
C LYS A 166 12.54 -17.38 11.30
N TYR A 167 12.05 -17.39 10.06
CA TYR A 167 11.32 -16.24 9.54
C TYR A 167 9.90 -16.17 10.09
N MET A 168 9.31 -17.32 10.41
CA MET A 168 7.94 -17.32 10.91
C MET A 168 7.89 -16.84 12.36
N VAL A 169 8.86 -17.25 13.18
CA VAL A 169 8.91 -16.73 14.55
C VAL A 169 9.20 -15.24 14.55
N SER A 170 9.95 -14.75 13.56
CA SER A 170 10.10 -13.31 13.38
C SER A 170 8.78 -12.67 12.98
N LEU A 171 8.01 -13.35 12.13
CA LEU A 171 6.66 -12.86 11.81
C LEU A 171 5.76 -12.88 13.03
N ILE A 172 5.95 -13.87 13.93
CA ILE A 172 5.23 -13.88 15.19
C ILE A 172 5.58 -12.64 16.00
N LEU A 173 6.88 -12.42 16.22
CA LEU A 173 7.33 -11.30 17.05
C LEU A 173 7.13 -9.96 16.36
N PHE A 174 6.89 -9.95 15.05
CA PHE A 174 6.53 -8.70 14.37
C PHE A 174 5.05 -8.39 14.51
N SER A 175 4.20 -9.41 14.54
CA SER A 175 2.76 -9.19 14.62
C SER A 175 2.28 -8.93 16.04
N ILE A 176 2.94 -9.52 17.04
CA ILE A 176 2.50 -9.33 18.41
C ILE A 176 3.08 -8.03 18.99
N LEU A 177 4.23 -7.59 18.51
CA LEU A 177 4.89 -6.41 19.08
C LEU A 177 4.67 -5.18 18.20
N ILE A 178 5.26 -5.20 17.00
CA ILE A 178 5.25 -4.01 16.15
C ILE A 178 3.83 -3.62 15.75
N GLU A 179 2.93 -4.60 15.64
CA GLU A 179 1.57 -4.34 15.17
C GLU A 179 0.52 -4.35 16.26
N ASN A 180 0.83 -4.82 17.47
CA ASN A 180 -0.27 -5.14 18.38
C ASN A 180 -0.12 -4.60 19.81
N VAL A 181 1.10 -4.34 20.28
CA VAL A 181 1.24 -4.05 21.70
C VAL A 181 2.40 -3.11 22.02
N SER A 182 3.33 -2.93 21.08
CA SER A 182 4.40 -1.98 21.31
C SER A 182 3.99 -0.54 21.00
N LEU A 183 2.76 -0.32 20.56
CA LEU A 183 2.28 1.02 20.24
C LEU A 183 0.96 1.30 20.96
N PHE A 184 0.20 0.25 21.28
CA PHE A 184 -1.18 0.44 21.73
C PHE A 184 -1.23 1.04 23.13
N SER A 185 -0.23 0.80 23.97
CA SER A 185 -0.20 1.46 25.27
C SER A 185 0.03 2.95 25.10
N GLN A 186 0.90 3.34 24.17
CA GLN A 186 1.06 4.76 23.85
C GLN A 186 -0.18 5.31 23.16
N PHE A 187 -0.86 4.49 22.35
CA PHE A 187 -2.11 4.95 21.72
C PHE A 187 -3.15 5.30 22.77
N ALA A 188 -3.26 4.48 23.82
CA ALA A 188 -4.26 4.72 24.86
C ALA A 188 -3.96 5.97 25.66
N ILE A 189 -2.67 6.31 25.85
CA ILE A 189 -2.31 7.52 26.58
C ILE A 189 -2.83 8.74 25.86
N LEU A 190 -2.62 8.80 24.54
CA LEU A 190 -3.07 9.96 23.76
C LEU A 190 -4.59 10.03 23.73
N LEU A 191 -5.25 8.88 23.59
CA LEU A 191 -6.71 8.86 23.55
C LEU A 191 -7.32 9.26 24.88
N SER A 192 -6.61 9.01 26.00
CA SER A 192 -7.17 9.29 27.31
C SER A 192 -7.41 10.79 27.52
N PHE A 193 -6.64 11.64 26.83
CA PHE A 193 -6.85 13.08 26.97
C PHE A 193 -8.15 13.52 26.31
N THR A 194 -8.61 12.81 25.29
CA THR A 194 -9.87 13.17 24.62
C THR A 194 -11.07 12.64 25.39
N ARG A 195 -10.99 11.41 25.90
CA ARG A 195 -12.14 10.80 26.57
C ARG A 195 -12.40 11.44 27.92
N PHE A 196 -11.36 11.68 28.71
CA PHE A 196 -11.53 12.17 30.07
C PHE A 196 -11.36 13.67 30.21
N LYS A 197 -10.66 14.33 29.29
CA LYS A 197 -10.44 15.77 29.37
C LYS A 197 -10.98 16.55 28.19
N GLY A 198 -11.31 15.90 27.09
CA GLY A 198 -11.79 16.60 25.91
C GLY A 198 -10.75 17.37 25.13
N TYR A 199 -9.47 17.11 25.37
CA TYR A 199 -8.38 17.76 24.66
C TYR A 199 -7.76 16.82 23.64
N MET A 200 -6.96 17.39 22.74
CA MET A 200 -6.22 16.64 21.73
C MET A 200 -7.14 15.74 20.91
N LYS A 201 -8.25 16.32 20.43
CA LYS A 201 -9.25 15.53 19.72
C LYS A 201 -8.83 15.21 18.30
N ASN A 202 -8.04 16.07 17.66
CA ASN A 202 -7.55 15.78 16.31
C ASN A 202 -6.43 14.76 16.34
N VAL A 203 -5.55 14.82 17.33
CA VAL A 203 -4.52 13.80 17.48
C VAL A 203 -5.16 12.43 17.73
N SER A 204 -6.19 12.40 18.59
CA SER A 204 -6.94 11.17 18.85
C SER A 204 -7.68 10.69 17.61
N ASN A 205 -8.04 11.59 16.71
CA ASN A 205 -8.60 11.20 15.43
C ASN A 205 -7.60 10.40 14.62
N ILE A 206 -6.37 10.92 14.52
CA ILE A 206 -5.33 10.22 13.76
C ILE A 206 -4.97 8.90 14.44
N ILE A 207 -4.83 8.91 15.76
CA ILE A 207 -4.45 7.69 16.49
C ILE A 207 -5.54 6.63 16.36
N ALA A 208 -6.81 7.06 16.35
CA ALA A 208 -7.90 6.10 16.17
C ALA A 208 -7.84 5.45 14.80
N TRP A 209 -7.60 6.23 13.75
CA TRP A 209 -7.48 5.67 12.40
C TRP A 209 -6.29 4.73 12.30
N ILE A 210 -5.16 5.10 12.93
CA ILE A 210 -3.97 4.27 12.88
C ILE A 210 -4.21 2.96 13.64
N SER A 211 -4.81 3.05 14.82
CA SER A 211 -5.03 1.85 15.63
C SER A 211 -5.95 0.86 14.92
N ILE A 212 -6.84 1.35 14.05
CA ILE A 212 -7.64 0.46 13.24
C ILE A 212 -6.79 -0.20 12.17
N ASP A 213 -5.91 0.57 11.52
CA ASP A 213 -4.99 -0.02 10.55
C ASP A 213 -4.06 -1.03 11.23
N GLU A 214 -3.56 -0.71 12.43
CA GLU A 214 -2.66 -1.62 13.11
C GLU A 214 -3.36 -2.92 13.51
N GLN A 215 -4.65 -2.85 13.86
CA GLN A 215 -5.39 -4.07 14.14
C GLN A 215 -5.56 -4.92 12.91
N ILE A 216 -5.68 -4.30 11.73
CA ILE A 216 -5.76 -5.05 10.49
C ILE A 216 -4.42 -5.69 10.17
N HIS A 217 -3.33 -4.98 10.46
CA HIS A 217 -2.00 -5.55 10.24
C HIS A 217 -1.77 -6.75 11.14
N ALA A 218 -2.09 -6.62 12.44
CA ALA A 218 -1.92 -7.73 13.37
C ALA A 218 -2.81 -8.91 13.00
N ASN A 219 -4.06 -8.66 12.62
CA ASN A 219 -4.95 -9.74 12.22
C ASN A 219 -4.48 -10.41 10.93
N GLY A 220 -3.86 -9.64 10.02
CA GLY A 220 -3.28 -10.25 8.84
C GLY A 220 -2.09 -11.13 9.17
N GLY A 221 -1.27 -10.71 10.13
CA GLY A 221 -0.17 -11.56 10.57
C GLY A 221 -0.66 -12.82 11.25
N ILE A 222 -1.69 -12.71 12.09
CA ILE A 222 -2.28 -13.88 12.73
C ILE A 222 -2.80 -14.85 11.68
N TYR A 223 -3.40 -14.33 10.60
CA TYR A 223 -3.91 -15.18 9.54
C TYR A 223 -2.79 -15.95 8.86
N ILE A 224 -1.70 -15.26 8.52
CA ILE A 224 -0.58 -15.92 7.87
C ILE A 224 0.05 -16.96 8.79
N ILE A 225 0.19 -16.62 10.07
CA ILE A 225 0.77 -17.56 11.03
C ILE A 225 -0.08 -18.82 11.14
N ASN A 226 -1.40 -18.66 11.22
CA ASN A 226 -2.28 -19.82 11.30
C ASN A 226 -2.26 -20.63 10.02
N LYS A 227 -2.05 -19.98 8.87
CA LYS A 227 -1.96 -20.72 7.61
C LYS A 227 -0.66 -21.52 7.55
N ILE A 228 0.42 -21.00 8.12
CA ILE A 228 1.66 -21.77 8.21
C ILE A 228 1.48 -22.94 9.16
N ARG A 229 0.72 -22.74 10.24
CA ARG A 229 0.42 -23.84 11.15
C ARG A 229 -0.54 -24.85 10.51
N GLU A 230 -1.48 -24.36 9.70
CA GLU A 230 -2.39 -25.26 9.01
C GLU A 230 -1.65 -26.14 8.01
N GLU A 231 -0.55 -25.65 7.44
CA GLU A 231 0.23 -26.40 6.46
C GLU A 231 1.49 -27.00 7.03
N PHE A 232 2.05 -26.44 8.10
CA PHE A 232 3.27 -26.95 8.72
C PHE A 232 3.08 -26.97 10.22
N PRO A 233 2.38 -27.98 10.75
CA PRO A 233 2.16 -28.05 12.20
C PRO A 233 3.41 -28.37 12.99
N ASP A 234 4.41 -29.03 12.39
CA ASP A 234 5.65 -29.33 13.09
C ASP A 234 6.48 -28.09 13.40
N TYR A 235 6.18 -26.97 12.72
CA TYR A 235 6.98 -25.76 12.89
C TYR A 235 6.79 -25.14 14.27
N PHE A 236 5.72 -25.49 14.98
CA PHE A 236 5.37 -24.89 16.26
C PHE A 236 5.75 -25.82 17.42
N ASP A 237 6.99 -26.27 17.43
CA ASP A 237 7.45 -27.23 18.41
C ASP A 237 7.61 -26.57 19.78
N GLU A 238 8.09 -27.35 20.74
CA GLU A 238 8.21 -26.87 22.12
C GLU A 238 9.22 -25.74 22.25
N GLU A 239 10.30 -25.78 21.47
CA GLU A 239 11.35 -24.76 21.58
C GLU A 239 10.85 -23.42 21.04
N THR A 240 10.09 -23.44 19.95
CA THR A 240 9.58 -22.20 19.37
C THR A 240 8.58 -21.53 20.30
N LEU A 241 7.68 -22.32 20.91
CA LEU A 241 6.73 -21.76 21.87
C LEU A 241 7.45 -21.23 23.11
N ALA A 242 8.53 -21.89 23.53
CA ALA A 242 9.27 -21.42 24.70
C ALA A 242 10.01 -20.12 24.42
N LEU A 243 10.48 -19.93 23.18
CA LEU A 243 11.18 -18.70 22.85
C LEU A 243 10.22 -17.54 22.67
N VAL A 244 9.03 -17.80 22.11
CA VAL A 244 8.04 -16.74 21.94
C VAL A 244 7.57 -16.23 23.30
N ARG A 245 7.21 -17.15 24.20
CA ARG A 245 6.76 -16.74 25.52
C ARG A 245 7.88 -16.10 26.33
N GLU A 246 9.12 -16.54 26.14
CA GLU A 246 10.24 -15.91 26.83
C GLU A 246 10.51 -14.52 26.29
N THR A 247 10.54 -14.38 24.96
CA THR A 247 10.82 -13.09 24.35
C THR A 247 9.70 -12.09 24.61
N VAL A 248 8.46 -12.57 24.74
CA VAL A 248 7.35 -11.68 25.04
C VAL A 248 7.45 -11.14 26.46
N LYS A 249 7.84 -12.01 27.41
CA LYS A 249 8.01 -11.55 28.79
C LYS A 249 9.08 -10.47 28.90
N ASP A 250 10.08 -10.51 28.02
CA ASP A 250 11.11 -9.47 28.02
C ASP A 250 10.56 -8.14 27.50
N SER A 251 9.57 -8.19 26.61
CA SER A 251 9.02 -6.96 26.05
C SER A 251 8.40 -6.09 27.13
N ILE A 252 7.71 -6.70 28.09
CA ILE A 252 7.00 -5.91 29.10
C ILE A 252 7.97 -5.30 30.09
N ALA A 253 9.07 -5.99 30.41
CA ALA A 253 10.11 -5.36 31.21
C ALA A 253 10.73 -4.18 30.49
N VAL A 254 10.79 -4.23 29.16
CA VAL A 254 11.31 -3.12 28.38
C VAL A 254 10.29 -1.98 28.32
N GLU A 255 9.03 -2.32 28.04
CA GLU A 255 8.00 -1.29 27.87
C GLU A 255 7.54 -0.70 29.19
N SER A 256 7.69 -1.41 30.30
CA SER A 256 7.38 -0.82 31.60
C SER A 256 8.37 0.29 31.96
N ASP A 257 9.63 0.14 31.55
CA ASP A 257 10.60 1.20 31.77
C ASP A 257 10.38 2.37 30.81
N ILE A 258 9.79 2.10 29.64
CA ILE A 258 9.44 3.18 28.73
C ILE A 258 8.28 4.00 29.29
N LEU A 259 7.29 3.32 29.88
CA LEU A 259 6.20 4.02 30.55
C LEU A 259 6.72 4.89 31.70
N ASP A 260 7.77 4.44 32.38
CA ASP A 260 8.40 5.29 33.40
C ASP A 260 8.99 6.54 32.77
N TRP A 261 9.66 6.40 31.63
CA TRP A 261 10.22 7.55 30.95
C TRP A 261 9.13 8.44 30.34
N ILE A 262 8.01 7.85 29.93
CA ILE A 262 6.92 8.65 29.39
C ILE A 262 6.31 9.53 30.48
N PHE A 263 6.12 8.98 31.67
CA PHE A 263 5.58 9.71 32.81
C PHE A 263 6.69 10.22 33.73
N GLU A 264 7.83 10.62 33.16
CA GLU A 264 8.98 11.02 33.97
C GLU A 264 8.72 12.31 34.74
N GLU A 265 7.80 13.14 34.29
CA GLU A 265 7.48 14.38 34.99
C GLU A 265 6.35 14.21 36.00
N GLY A 266 5.80 13.01 36.13
CA GLY A 266 4.81 12.77 37.17
C GLY A 266 3.58 11.99 36.74
N GLU A 267 2.80 11.57 37.73
CA GLU A 267 1.54 10.89 37.47
C GLU A 267 0.52 11.84 36.90
N ILE A 268 -0.24 11.38 35.91
CA ILE A 268 -1.27 12.18 35.29
C ILE A 268 -2.63 11.57 35.60
N GLU A 269 -3.68 12.38 35.42
CA GLU A 269 -5.02 11.99 35.83
C GLU A 269 -5.71 11.11 34.80
N SER A 270 -5.38 11.27 33.51
CA SER A 270 -6.16 10.63 32.47
C SER A 270 -5.89 9.13 32.38
N ILE A 271 -4.70 8.68 32.78
CA ILE A 271 -4.31 7.29 32.58
C ILE A 271 -3.24 6.91 33.59
N LYS A 272 -3.21 5.64 33.97
CA LYS A 272 -2.26 5.13 34.96
C LYS A 272 -1.35 4.09 34.32
N LYS A 273 -0.13 4.00 34.86
CA LYS A 273 0.85 3.06 34.30
C LYS A 273 0.47 1.61 34.62
N GLY A 274 0.02 1.34 35.84
CA GLY A 274 -0.35 -0.02 36.21
C GLY A 274 -1.49 -0.55 35.35
N ASP A 275 -2.43 0.31 34.99
CA ASP A 275 -3.52 -0.12 34.11
C ASP A 275 -3.01 -0.38 32.69
N LEU A 276 -1.99 0.36 32.26
CA LEU A 276 -1.42 0.14 30.93
C LEU A 276 -0.67 -1.20 30.87
N VAL A 277 -0.05 -1.62 31.96
CA VAL A 277 0.72 -2.85 31.97
C VAL A 277 -0.20 -4.06 31.84
N ASN A 278 -1.28 -4.08 32.63
CA ASN A 278 -2.27 -5.15 32.49
C ASN A 278 -2.92 -5.11 31.10
N PHE A 279 -3.16 -3.90 30.59
CA PHE A 279 -3.65 -3.76 29.22
C PHE A 279 -2.68 -4.39 28.22
N MET A 280 -1.38 -4.13 28.40
CA MET A 280 -0.37 -4.74 27.54
C MET A 280 -0.36 -6.26 27.69
N LYS A 281 -0.49 -6.75 28.93
CA LYS A 281 -0.49 -8.19 29.15
C LYS A 281 -1.73 -8.85 28.55
N PHE A 282 -2.89 -8.20 28.68
CA PHE A 282 -4.13 -8.76 28.15
C PHE A 282 -4.07 -8.88 26.63
N ARG A 283 -3.57 -7.84 25.96
CA ARG A 283 -3.50 -7.87 24.49
C ARG A 283 -2.57 -8.97 24.00
N ILE A 284 -1.46 -9.19 24.70
CA ILE A 284 -0.52 -10.22 24.29
C ILE A 284 -1.17 -11.59 24.38
N ASP A 285 -1.86 -11.86 25.50
CA ASP A 285 -2.53 -13.15 25.66
C ASP A 285 -3.59 -13.35 24.60
N GLU A 286 -4.33 -12.29 24.25
CA GLU A 286 -5.34 -12.40 23.19
C GLU A 286 -4.72 -12.74 21.86
N SER A 287 -3.50 -12.25 21.59
CA SER A 287 -2.84 -12.60 20.34
C SER A 287 -2.33 -14.03 20.36
N LEU A 288 -1.84 -14.49 21.52
CA LEU A 288 -1.39 -15.87 21.63
C LEU A 288 -2.53 -16.86 21.53
N LYS A 289 -3.73 -16.48 21.99
CA LYS A 289 -4.89 -17.35 21.89
C LYS A 289 -5.25 -17.61 20.43
N GLN A 290 -5.28 -16.55 19.61
CA GLN A 290 -5.68 -16.67 18.21
C GLN A 290 -4.69 -17.48 17.39
N ILE A 291 -3.49 -17.75 17.89
CA ILE A 291 -2.51 -18.59 17.21
C ILE A 291 -2.19 -19.85 18.03
N ASN A 292 -3.02 -20.17 19.02
CA ASN A 292 -2.88 -21.38 19.81
C ASN A 292 -1.52 -21.48 20.49
N ILE A 293 -1.14 -20.41 21.18
CA ILE A 293 0.06 -20.40 22.02
C ILE A 293 -0.42 -20.18 23.45
N PRO A 294 0.10 -20.93 24.42
CA PRO A 294 -0.42 -20.83 25.79
C PRO A 294 -0.35 -19.42 26.35
N VAL A 295 -1.37 -19.06 27.13
CA VAL A 295 -1.45 -17.74 27.74
C VAL A 295 -0.34 -17.59 28.78
N ILE A 296 0.20 -16.37 28.89
CA ILE A 296 1.33 -16.09 29.78
C ILE A 296 0.88 -15.46 31.09
N PHE A 297 -0.01 -14.48 31.03
CA PHE A 297 -0.33 -13.66 32.20
C PHE A 297 -1.70 -13.92 32.80
N ASP A 298 -2.71 -14.20 31.98
CA ASP A 298 -4.07 -14.47 32.44
C ASP A 298 -4.58 -13.34 33.35
N VAL A 299 -4.87 -12.22 32.69
CA VAL A 299 -5.26 -11.00 33.40
C VAL A 299 -6.71 -11.12 33.87
N LYS A 300 -6.97 -10.64 35.08
CA LYS A 300 -8.30 -10.68 35.66
C LYS A 300 -9.21 -9.62 35.05
N VAL A 301 -10.52 -9.86 35.13
CA VAL A 301 -11.49 -8.94 34.57
C VAL A 301 -11.37 -7.56 35.23
N GLU A 302 -11.25 -7.54 36.55
CA GLU A 302 -11.11 -6.28 37.28
C GLU A 302 -9.81 -5.55 37.00
N ASP A 303 -8.93 -6.12 36.15
CA ASP A 303 -7.65 -5.51 35.84
C ASP A 303 -7.59 -4.94 34.43
N TYR A 304 -8.02 -5.70 33.43
CA TYR A 304 -7.97 -5.21 32.06
C TYR A 304 -9.18 -4.38 31.67
N LYS A 305 -10.26 -4.42 32.45
CA LYS A 305 -11.43 -3.59 32.16
C LYS A 305 -11.20 -2.12 32.47
N ALA A 306 -10.06 -1.78 33.10
CA ALA A 306 -9.73 -0.37 33.29
C ALA A 306 -9.51 0.35 31.97
N LEU A 307 -8.98 -0.35 30.97
CA LEU A 307 -8.80 0.22 29.63
C LEU A 307 -9.80 -0.36 28.63
N ALA A 308 -10.92 -0.91 29.11
CA ALA A 308 -11.96 -1.39 28.21
C ALA A 308 -12.56 -0.26 27.38
N TRP A 309 -12.44 0.99 27.84
CA TRP A 309 -12.91 2.14 27.08
C TRP A 309 -12.13 2.37 25.80
N PHE A 310 -10.96 1.73 25.65
CA PHE A 310 -10.12 1.99 24.48
C PHE A 310 -10.85 1.63 23.18
N GLU A 311 -11.57 0.50 23.19
CA GLU A 311 -12.22 0.04 21.97
C GLU A 311 -13.32 1.01 21.52
N GLU A 312 -14.15 1.46 22.46
CA GLU A 312 -15.22 2.37 22.10
C GLU A 312 -14.69 3.78 21.81
N GLU A 313 -13.57 4.16 22.43
CA GLU A 313 -12.99 5.46 22.14
C GLU A 313 -12.36 5.48 20.76
N VAL A 314 -11.79 4.37 20.31
CA VAL A 314 -11.30 4.28 18.94
C VAL A 314 -12.46 4.40 17.95
N PHE A 315 -13.61 3.81 18.31
CA PHE A 315 -14.79 3.90 17.45
C PHE A 315 -15.38 5.31 17.43
N ALA A 316 -15.29 6.03 18.55
CA ALA A 316 -15.83 7.38 18.60
C ALA A 316 -15.01 8.35 17.78
N ASN A 317 -13.69 8.35 17.97
CA ASN A 317 -12.78 9.23 17.23
C ASN A 317 -12.49 8.73 15.82
N SER A 318 -13.30 7.81 15.29
CA SER A 318 -13.06 7.28 13.95
C SER A 318 -13.84 8.02 12.88
N LEU A 319 -15.05 8.48 13.19
CA LEU A 319 -15.85 9.22 12.23
C LEU A 319 -16.32 10.55 12.81
N MET B 20 27.29 12.52 -1.54
CA MET B 20 26.11 11.70 -1.30
C MET B 20 25.07 11.91 -2.40
N SER B 21 24.89 10.88 -3.22
CA SER B 21 24.01 10.94 -4.38
C SER B 21 22.74 10.13 -4.12
N ILE B 22 21.96 9.92 -5.18
CA ILE B 22 20.64 9.33 -5.06
C ILE B 22 20.70 7.83 -4.73
N PHE B 23 21.83 7.17 -4.99
CA PHE B 23 21.96 5.74 -4.75
C PHE B 23 22.63 5.43 -3.41
N ASP B 24 22.83 6.44 -2.55
CA ASP B 24 23.36 6.23 -1.22
C ASP B 24 22.23 6.28 -0.20
N LYS B 25 22.36 5.49 0.85
CA LYS B 25 21.31 5.32 1.85
C LYS B 25 21.44 6.40 2.91
N ARG B 26 20.51 7.36 2.89
CA ARG B 26 20.37 8.32 3.98
C ARG B 26 19.45 7.73 5.03
N VAL B 27 19.97 7.54 6.24
CA VAL B 27 19.25 6.76 7.25
C VAL B 27 18.09 7.56 7.84
N ASN B 28 18.30 8.83 8.16
CA ASN B 28 17.26 9.62 8.81
C ASN B 28 16.08 9.83 7.87
N TYR B 29 14.87 9.79 8.44
CA TYR B 29 13.65 9.83 7.64
C TYR B 29 13.48 11.19 6.98
N LYS B 30 13.46 12.26 7.78
CA LYS B 30 13.28 13.60 7.29
C LYS B 30 14.39 14.50 7.79
N PRO B 31 14.70 15.60 7.08
CA PRO B 31 13.99 16.18 5.94
C PRO B 31 14.19 15.41 4.63
N PHE B 32 13.24 15.57 3.72
CA PHE B 32 13.25 14.85 2.44
C PHE B 32 14.25 15.51 1.50
N GLU B 33 15.22 14.73 1.01
CA GLU B 33 16.15 15.24 0.02
C GLU B 33 15.44 15.57 -1.29
N TYR B 34 14.44 14.75 -1.66
CA TYR B 34 13.65 14.94 -2.87
C TYR B 34 12.19 15.10 -2.46
N PRO B 35 11.80 16.29 -1.98
CA PRO B 35 10.43 16.48 -1.48
C PRO B 35 9.37 16.44 -2.56
N GLU B 36 9.73 16.56 -3.84
CA GLU B 36 8.76 16.48 -4.91
C GLU B 36 8.10 15.10 -5.02
N VAL B 37 8.65 14.10 -4.33
CA VAL B 37 8.01 12.78 -4.29
C VAL B 37 6.59 12.91 -3.77
N LEU B 38 6.37 13.81 -2.80
CA LEU B 38 5.03 13.98 -2.24
C LEU B 38 4.02 14.50 -3.25
N GLN B 39 4.48 15.10 -4.35
CA GLN B 39 3.56 15.56 -5.38
C GLN B 39 2.89 14.37 -6.09
N PHE B 40 3.62 13.27 -6.27
CA PHE B 40 3.05 12.13 -6.96
C PHE B 40 2.24 11.24 -6.02
N THR B 41 2.70 11.06 -4.78
CA THR B 41 1.97 10.24 -3.82
C THR B 41 0.63 10.88 -3.47
N GLU B 42 0.62 12.19 -3.22
CA GLU B 42 -0.64 12.87 -2.89
C GLU B 42 -1.61 12.84 -4.06
N ALA B 43 -1.09 12.97 -5.29
CA ALA B 43 -1.96 12.85 -6.46
C ALA B 43 -2.57 11.45 -6.54
N ILE B 44 -1.80 10.43 -6.20
CA ILE B 44 -2.36 9.08 -6.10
C ILE B 44 -3.34 9.00 -4.94
N ASN B 45 -3.02 9.63 -3.81
CA ASN B 45 -3.92 9.60 -2.66
C ASN B 45 -5.24 10.32 -2.97
N LYS B 46 -5.17 11.46 -3.66
CA LYS B 46 -6.38 12.20 -3.97
C LYS B 46 -7.27 11.43 -4.94
N ALA B 47 -6.67 10.71 -5.88
CA ALA B 47 -7.40 9.94 -6.87
C ALA B 47 -7.66 8.50 -6.44
N TYR B 48 -7.63 8.23 -5.13
CA TYR B 48 -7.80 6.87 -4.64
C TYR B 48 -9.15 6.29 -5.02
N TRP B 49 -9.16 5.02 -5.40
CA TRP B 49 -10.35 4.36 -5.92
C TRP B 49 -10.15 2.86 -5.88
N VAL B 50 -11.26 2.13 -5.82
CA VAL B 50 -11.25 0.67 -5.90
C VAL B 50 -12.35 0.25 -6.87
N HIS B 51 -12.15 -0.90 -7.52
CA HIS B 51 -13.11 -1.39 -8.50
C HIS B 51 -14.43 -1.81 -7.87
N THR B 52 -14.46 -2.02 -6.55
CA THR B 52 -15.69 -2.42 -5.87
C THR B 52 -16.73 -1.31 -5.80
N GLU B 53 -16.36 -0.07 -6.14
CA GLU B 53 -17.33 1.01 -6.18
C GLU B 53 -18.23 0.96 -7.40
N VAL B 54 -17.84 0.21 -8.43
CA VAL B 54 -18.48 0.26 -9.74
C VAL B 54 -19.25 -1.03 -9.97
N ASP B 55 -20.44 -0.91 -10.54
CA ASP B 55 -21.27 -2.05 -10.94
C ASP B 55 -21.30 -2.12 -12.46
N PHE B 56 -21.02 -3.30 -13.01
CA PHE B 56 -20.91 -3.48 -14.45
C PHE B 56 -22.10 -4.20 -15.05
N THR B 57 -23.27 -4.14 -14.38
CA THR B 57 -24.46 -4.80 -14.92
C THR B 57 -24.94 -4.11 -16.19
N ALA B 58 -24.92 -2.77 -16.22
CA ALA B 58 -25.36 -2.05 -17.40
C ALA B 58 -24.39 -2.25 -18.57
N ASP B 59 -23.12 -2.54 -18.27
CA ASP B 59 -22.15 -2.77 -19.33
C ASP B 59 -22.27 -4.17 -19.92
N THR B 60 -22.67 -5.15 -19.11
CA THR B 60 -22.84 -6.52 -19.64
C THR B 60 -24.01 -6.58 -20.61
N GLN B 61 -25.08 -5.82 -20.35
CA GLN B 61 -26.24 -5.85 -21.22
C GLN B 61 -25.95 -5.16 -22.55
N ASP B 62 -25.20 -4.05 -22.53
CA ASP B 62 -24.81 -3.40 -23.77
C ASP B 62 -23.81 -4.24 -24.55
N PHE B 63 -22.89 -4.90 -23.83
CA PHE B 63 -21.90 -5.75 -24.48
C PHE B 63 -22.56 -6.92 -25.20
N HIS B 64 -23.56 -7.54 -24.57
CA HIS B 64 -24.17 -8.73 -25.11
C HIS B 64 -25.15 -8.42 -26.24
N ALA B 65 -25.74 -7.22 -26.24
CA ALA B 65 -26.82 -6.90 -27.17
C ALA B 65 -26.47 -5.86 -28.23
N HIS B 66 -25.64 -4.88 -27.92
CA HIS B 66 -25.43 -3.75 -28.80
C HIS B 66 -24.04 -3.68 -29.40
N LEU B 67 -23.19 -4.68 -29.17
CA LEU B 67 -21.84 -4.69 -29.71
C LEU B 67 -21.69 -5.84 -30.69
N SER B 68 -21.08 -5.56 -31.83
CA SER B 68 -20.85 -6.58 -32.84
C SER B 68 -19.68 -7.47 -32.45
N LEU B 69 -19.49 -8.55 -33.21
CA LEU B 69 -18.38 -9.46 -32.95
C LEU B 69 -17.04 -8.74 -33.07
N ALA B 70 -16.91 -7.84 -34.04
CA ALA B 70 -15.68 -7.06 -34.17
C ALA B 70 -15.49 -6.12 -32.98
N GLU B 71 -16.59 -5.62 -32.41
CA GLU B 71 -16.48 -4.74 -31.25
C GLU B 71 -16.23 -5.54 -29.98
N LYS B 72 -16.89 -6.67 -29.81
CA LYS B 72 -16.61 -7.55 -28.68
C LYS B 72 -15.15 -8.00 -28.70
N THR B 73 -14.67 -8.43 -29.87
CA THR B 73 -13.28 -8.86 -29.99
C THR B 73 -12.32 -7.71 -29.72
N ALA B 74 -12.67 -6.50 -30.16
CA ALA B 74 -11.83 -5.34 -29.87
C ALA B 74 -11.74 -5.11 -28.36
N VAL B 75 -12.87 -5.19 -27.66
CA VAL B 75 -12.87 -5.00 -26.22
C VAL B 75 -12.17 -6.16 -25.53
N LYS B 76 -12.45 -7.39 -25.96
CA LYS B 76 -11.85 -8.57 -25.35
C LYS B 76 -10.32 -8.51 -25.46
N ASN B 77 -9.82 -8.39 -26.68
CA ASN B 77 -8.37 -8.39 -26.89
C ASN B 77 -7.72 -7.14 -26.32
N SER B 78 -8.46 -6.03 -26.24
CA SER B 78 -7.95 -4.87 -25.54
C SER B 78 -7.69 -5.18 -24.08
N LEU B 79 -8.69 -5.77 -23.40
CA LEU B 79 -8.54 -6.12 -22.00
C LEU B 79 -7.45 -7.18 -21.80
N LEU B 80 -7.39 -8.17 -22.70
CA LEU B 80 -6.39 -9.22 -22.58
C LEU B 80 -4.98 -8.66 -22.76
N ALA B 81 -4.80 -7.72 -23.68
CA ALA B 81 -3.48 -7.15 -23.91
C ALA B 81 -3.02 -6.33 -22.71
N ILE B 82 -3.92 -5.56 -22.10
CA ILE B 82 -3.57 -4.83 -20.90
C ILE B 82 -3.28 -5.80 -19.76
N ALA B 83 -4.12 -6.83 -19.60
CA ALA B 83 -3.97 -7.75 -18.48
C ALA B 83 -2.67 -8.53 -18.54
N GLN B 84 -2.17 -8.82 -19.75
CA GLN B 84 -0.92 -9.56 -19.86
C GLN B 84 0.22 -8.85 -19.16
N ILE B 85 0.23 -7.52 -19.17
CA ILE B 85 1.27 -6.75 -18.49
C ILE B 85 0.88 -6.39 -17.07
N GLU B 86 -0.38 -6.02 -16.84
CA GLU B 86 -0.79 -5.45 -15.56
C GLU B 86 -1.33 -6.47 -14.57
N VAL B 87 -1.84 -7.60 -15.04
CA VAL B 87 -2.34 -8.64 -14.14
C VAL B 87 -1.17 -9.59 -13.91
N ALA B 88 -0.30 -9.21 -12.97
CA ALA B 88 0.91 -9.96 -12.65
C ALA B 88 1.54 -9.31 -11.42
N VAL B 89 2.58 -9.97 -10.91
CA VAL B 89 3.38 -9.40 -9.83
C VAL B 89 4.39 -8.44 -10.47
N LYS B 90 4.22 -7.15 -10.19
CA LYS B 90 5.10 -6.11 -10.71
C LYS B 90 5.97 -5.62 -9.56
N SER B 91 7.23 -6.09 -9.54
CA SER B 91 8.14 -5.84 -8.44
C SER B 91 9.06 -4.66 -8.67
N PHE B 92 8.84 -3.88 -9.73
CA PHE B 92 9.72 -2.76 -10.04
C PHE B 92 9.57 -1.64 -9.01
N TRP B 93 8.42 -0.96 -9.02
CA TRP B 93 8.22 0.15 -8.11
C TRP B 93 8.33 -0.28 -6.66
N GLY B 94 7.86 -1.49 -6.34
CA GLY B 94 7.93 -1.98 -4.98
C GLY B 94 9.34 -2.18 -4.44
N ASN B 95 10.35 -2.19 -5.31
CA ASN B 95 11.72 -2.45 -4.91
C ASN B 95 12.67 -1.31 -5.28
N ILE B 96 12.15 -0.11 -5.56
CA ILE B 96 13.02 0.99 -5.95
C ILE B 96 13.85 1.52 -4.79
N TYR B 97 13.48 1.19 -3.56
CA TYR B 97 14.30 1.59 -2.42
C TYR B 97 15.62 0.83 -2.39
N GLU B 98 15.67 -0.37 -2.96
CA GLU B 98 16.92 -1.12 -3.01
C GLU B 98 17.92 -0.48 -3.96
N HIS B 99 17.46 0.34 -4.91
CA HIS B 99 18.33 1.07 -5.82
C HIS B 99 18.45 2.54 -5.49
N PHE B 100 17.37 3.17 -5.01
CA PHE B 100 17.37 4.57 -4.57
C PHE B 100 17.06 4.57 -3.08
N PRO B 101 18.04 4.25 -2.23
CA PRO B 101 17.76 4.08 -0.80
C PRO B 101 17.42 5.39 -0.09
N LYS B 102 16.28 5.97 -0.43
CA LYS B 102 15.78 7.17 0.23
C LYS B 102 14.40 6.89 0.81
N PRO B 103 14.10 7.39 2.01
CA PRO B 103 12.75 7.19 2.57
C PRO B 103 11.64 7.74 1.70
N GLU B 104 11.92 8.77 0.89
CA GLU B 104 10.91 9.30 -0.02
C GLU B 104 10.55 8.29 -1.10
N PHE B 105 11.56 7.61 -1.66
CA PHE B 105 11.30 6.70 -2.76
C PHE B 105 10.68 5.39 -2.29
N ASN B 106 11.00 4.94 -1.07
CA ASN B 106 10.28 3.81 -0.51
C ASN B 106 8.81 4.16 -0.32
N GLY B 107 8.52 5.39 0.08
CA GLY B 107 7.14 5.83 0.15
C GLY B 107 6.50 5.97 -1.22
N LEU B 108 7.28 6.46 -2.20
CA LEU B 108 6.78 6.54 -3.56
C LEU B 108 6.61 5.16 -4.17
N GLY B 109 7.56 4.26 -3.94
CA GLY B 109 7.45 2.92 -4.47
C GLY B 109 6.32 2.13 -3.85
N SER B 110 6.14 2.25 -2.53
CA SER B 110 5.04 1.58 -1.87
C SER B 110 3.69 2.14 -2.31
N THR B 111 3.62 3.45 -2.53
CA THR B 111 2.38 4.06 -2.98
C THR B 111 2.01 3.58 -4.37
N PHE B 112 2.99 3.50 -5.27
CA PHE B 112 2.72 3.01 -6.62
C PHE B 112 2.47 1.50 -6.63
N ALA B 113 3.12 0.76 -5.74
CA ALA B 113 2.93 -0.69 -5.69
C ALA B 113 1.51 -1.03 -5.26
N GLU B 114 1.02 -0.37 -4.20
CA GLU B 114 -0.37 -0.58 -3.80
C GLU B 114 -1.32 -0.22 -4.94
N CYS B 115 -1.02 0.85 -5.66
CA CYS B 115 -1.90 1.28 -6.75
C CYS B 115 -1.95 0.23 -7.85
N GLU B 116 -0.82 -0.43 -8.11
CA GLU B 116 -0.79 -1.50 -9.11
C GLU B 116 -1.60 -2.72 -8.67
N PHE B 117 -1.79 -2.93 -7.36
CA PHE B 117 -2.65 -4.02 -6.92
C PHE B 117 -4.11 -3.67 -7.12
N ARG B 118 -4.49 -2.42 -6.85
CA ARG B 118 -5.84 -1.97 -7.16
C ARG B 118 -6.13 -2.07 -8.65
N HIS B 119 -5.09 -1.87 -9.48
CA HIS B 119 -5.26 -2.00 -10.93
C HIS B 119 -5.43 -3.46 -11.34
N SER B 120 -4.55 -4.33 -10.85
CA SER B 120 -4.61 -5.75 -11.19
C SER B 120 -5.92 -6.38 -10.71
N GLU B 121 -6.44 -5.93 -9.57
CA GLU B 121 -7.74 -6.42 -9.11
C GLU B 121 -8.88 -5.89 -9.97
N ALA B 122 -8.76 -4.65 -10.44
CA ALA B 122 -9.79 -4.09 -11.32
C ALA B 122 -9.83 -4.84 -12.64
N TYR B 123 -8.66 -5.10 -13.24
CA TYR B 123 -8.62 -5.85 -14.49
C TYR B 123 -9.12 -7.27 -14.29
N SER B 124 -8.81 -7.87 -13.14
CA SER B 124 -9.30 -9.22 -12.86
C SER B 124 -10.81 -9.27 -12.78
N ARG B 125 -11.42 -8.21 -12.22
CA ARG B 125 -12.88 -8.14 -12.18
C ARG B 125 -13.46 -7.98 -13.58
N LEU B 126 -12.81 -7.18 -14.42
CA LEU B 126 -13.28 -7.00 -15.80
C LEU B 126 -13.25 -8.33 -16.56
N LEU B 127 -12.14 -9.07 -16.45
CA LEU B 127 -12.05 -10.38 -17.08
C LEU B 127 -13.14 -11.31 -16.56
N GLU B 128 -13.47 -11.21 -15.28
CA GLU B 128 -14.51 -12.06 -14.71
C GLU B 128 -15.90 -11.62 -15.13
N VAL B 129 -16.14 -10.31 -15.16
CA VAL B 129 -17.45 -9.78 -15.52
C VAL B 129 -17.76 -10.06 -16.98
N LEU B 130 -16.76 -9.98 -17.84
CA LEU B 130 -16.93 -10.24 -19.26
C LEU B 130 -16.72 -11.71 -19.62
N GLY B 131 -16.36 -12.55 -18.65
CA GLY B 131 -16.20 -13.97 -18.89
C GLY B 131 -15.05 -14.32 -19.82
N TYR B 132 -13.85 -13.83 -19.51
CA TYR B 132 -12.68 -14.05 -20.34
C TYR B 132 -11.52 -14.62 -19.53
N ASN B 133 -11.83 -15.36 -18.47
CA ASN B 133 -10.77 -15.91 -17.62
C ASN B 133 -10.00 -17.02 -18.34
N ASP B 134 -10.71 -17.89 -19.06
CA ASP B 134 -10.04 -18.96 -19.78
C ASP B 134 -9.22 -18.42 -20.95
N GLU B 135 -9.66 -17.31 -21.56
CA GLU B 135 -8.87 -16.68 -22.61
C GLU B 135 -7.57 -16.11 -22.04
N PHE B 136 -7.61 -15.61 -20.81
CA PHE B 136 -6.39 -15.08 -20.20
C PHE B 136 -5.43 -16.19 -19.83
N GLU B 137 -5.94 -17.36 -19.42
CA GLU B 137 -5.07 -18.49 -19.12
C GLU B 137 -4.29 -18.93 -20.35
N LYS B 138 -4.95 -18.97 -21.52
CA LYS B 138 -4.33 -19.38 -22.76
C LYS B 138 -3.84 -18.20 -23.58
N LEU B 139 -3.58 -17.06 -22.95
CA LEU B 139 -3.17 -15.88 -23.69
C LEU B 139 -1.82 -16.06 -24.35
N LEU B 140 -0.95 -16.88 -23.76
CA LEU B 140 0.36 -17.14 -24.36
C LEU B 140 0.27 -18.00 -25.62
N ASP B 141 -0.89 -18.58 -25.92
CA ASP B 141 -1.07 -19.25 -27.21
C ASP B 141 -1.04 -18.26 -28.37
N VAL B 142 -1.33 -16.99 -28.10
CA VAL B 142 -1.30 -15.95 -29.12
C VAL B 142 0.15 -15.67 -29.50
N PRO B 143 0.54 -15.88 -30.76
CA PRO B 143 1.91 -15.52 -31.16
C PRO B 143 2.20 -14.03 -31.02
N VAL B 144 1.18 -13.19 -31.13
CA VAL B 144 1.38 -11.76 -30.96
C VAL B 144 1.71 -11.43 -29.51
N ILE B 145 1.16 -12.19 -28.56
CA ILE B 145 1.45 -11.96 -27.15
C ILE B 145 2.84 -12.46 -26.80
N ARG B 146 3.26 -13.58 -27.39
CA ARG B 146 4.59 -14.12 -27.11
C ARG B 146 5.69 -13.17 -27.57
N ARG B 147 5.47 -12.45 -28.66
CA ARG B 147 6.48 -11.52 -29.15
C ARG B 147 6.71 -10.38 -28.17
N ARG B 148 5.64 -9.86 -27.57
CA ARG B 148 5.81 -8.80 -26.59
C ARG B 148 6.36 -9.34 -25.27
N VAL B 149 6.03 -10.58 -24.93
CA VAL B 149 6.60 -11.20 -23.73
C VAL B 149 8.11 -11.33 -23.87
N ASP B 150 8.55 -11.85 -25.02
CA ASP B 150 9.99 -11.99 -25.25
C ASP B 150 10.67 -10.64 -25.42
N TYR B 151 9.97 -9.65 -25.97
CA TYR B 151 10.56 -8.33 -26.13
C TYR B 151 10.76 -7.65 -24.78
N LEU B 152 9.74 -7.68 -23.92
CA LEU B 152 9.87 -7.13 -22.58
C LEU B 152 10.70 -8.00 -21.66
N SER B 153 11.20 -9.14 -22.15
CA SER B 153 12.02 -10.02 -21.33
C SER B 153 13.48 -9.59 -21.35
N ASN B 154 14.09 -9.56 -22.54
CA ASN B 154 15.46 -9.09 -22.66
C ASN B 154 15.57 -7.61 -22.32
N VAL B 155 14.63 -6.81 -22.83
CA VAL B 155 14.44 -5.46 -22.30
C VAL B 155 14.02 -5.59 -20.84
N LEU B 156 14.37 -4.57 -20.04
CA LEU B 156 14.13 -4.53 -18.59
C LEU B 156 15.06 -5.48 -17.83
N LYS B 157 16.13 -5.96 -18.45
CA LYS B 157 17.03 -6.89 -17.80
C LYS B 157 17.87 -6.19 -16.74
N SER B 170 16.70 0.80 -17.55
CA SER B 170 15.55 0.02 -17.12
C SER B 170 14.37 0.93 -16.80
N LEU B 171 14.61 1.90 -15.90
CA LEU B 171 13.56 2.84 -15.55
C LEU B 171 13.13 3.66 -16.76
N ILE B 172 14.08 4.10 -17.58
CA ILE B 172 13.75 4.83 -18.80
C ILE B 172 12.79 4.02 -19.66
N LEU B 173 13.11 2.74 -19.86
CA LEU B 173 12.22 1.88 -20.63
C LEU B 173 10.92 1.61 -19.86
N PHE B 174 11.01 1.50 -18.54
CA PHE B 174 9.82 1.15 -17.76
C PHE B 174 8.78 2.27 -17.78
N SER B 175 9.20 3.53 -17.74
CA SER B 175 8.26 4.64 -17.66
C SER B 175 7.63 4.99 -19.01
N ILE B 176 8.25 4.58 -20.12
CA ILE B 176 7.67 4.87 -21.43
C ILE B 176 6.89 3.66 -21.90
N LEU B 177 7.36 2.46 -21.54
CA LEU B 177 6.67 1.23 -21.94
C LEU B 177 5.52 0.92 -20.98
N ILE B 178 5.83 0.31 -19.85
CA ILE B 178 4.79 -0.19 -18.95
C ILE B 178 3.92 0.94 -18.42
N GLU B 179 4.51 2.10 -18.17
CA GLU B 179 3.79 3.19 -17.53
C GLU B 179 3.06 4.11 -18.50
N ASN B 180 3.11 3.83 -19.80
CA ASN B 180 2.44 4.73 -20.74
C ASN B 180 1.76 3.99 -21.87
N VAL B 181 2.25 4.20 -23.09
CA VAL B 181 1.46 3.97 -24.30
C VAL B 181 1.58 2.51 -24.74
N SER B 182 2.13 1.65 -23.87
CA SER B 182 1.86 0.22 -24.02
C SER B 182 0.50 -0.14 -23.45
N LEU B 183 -0.24 0.83 -22.92
CA LEU B 183 -1.57 0.62 -22.37
C LEU B 183 -2.52 1.69 -22.87
N PHE B 184 -1.99 2.89 -23.15
CA PHE B 184 -2.84 4.03 -23.45
C PHE B 184 -3.58 3.87 -24.77
N SER B 185 -2.98 3.15 -25.73
CA SER B 185 -3.70 2.87 -26.97
C SER B 185 -4.89 1.96 -26.71
N GLN B 186 -4.71 0.92 -25.88
CA GLN B 186 -5.84 0.07 -25.51
C GLN B 186 -6.82 0.81 -24.62
N PHE B 187 -6.35 1.81 -23.86
CA PHE B 187 -7.27 2.64 -23.07
C PHE B 187 -8.18 3.44 -23.99
N ALA B 188 -7.67 3.90 -25.12
CA ALA B 188 -8.48 4.69 -26.05
C ALA B 188 -9.50 3.83 -26.77
N ILE B 189 -9.16 2.57 -27.07
CA ILE B 189 -10.12 1.68 -27.71
C ILE B 189 -11.32 1.45 -26.81
N LEU B 190 -11.08 1.25 -25.52
CA LEU B 190 -12.19 1.03 -24.58
C LEU B 190 -12.99 2.29 -24.39
N LEU B 191 -12.32 3.43 -24.20
CA LEU B 191 -13.03 4.69 -23.97
C LEU B 191 -13.79 5.16 -25.21
N SER B 192 -13.46 4.64 -26.39
CA SER B 192 -14.13 5.09 -27.61
C SER B 192 -15.58 4.67 -27.65
N PHE B 193 -15.92 3.53 -27.04
CA PHE B 193 -17.30 3.06 -27.07
C PHE B 193 -18.22 3.94 -26.25
N THR B 194 -17.68 4.61 -25.22
CA THR B 194 -18.51 5.48 -24.40
C THR B 194 -18.72 6.85 -25.05
N ARG B 195 -17.68 7.38 -25.69
CA ARG B 195 -17.79 8.72 -26.28
C ARG B 195 -18.69 8.72 -27.51
N PHE B 196 -18.54 7.73 -28.38
CA PHE B 196 -19.25 7.72 -29.65
C PHE B 196 -20.51 6.85 -29.65
N LYS B 197 -20.58 5.83 -28.80
CA LYS B 197 -21.74 4.95 -28.75
C LYS B 197 -22.44 4.95 -27.41
N GLY B 198 -21.90 5.64 -26.40
CA GLY B 198 -22.54 5.70 -25.10
C GLY B 198 -22.61 4.37 -24.37
N TYR B 199 -21.77 3.42 -24.74
CA TYR B 199 -21.76 2.10 -24.12
C TYR B 199 -20.51 1.93 -23.27
N MET B 200 -20.55 0.93 -22.39
CA MET B 200 -19.43 0.59 -21.51
C MET B 200 -19.01 1.79 -20.66
N LYS B 201 -19.99 2.46 -20.06
CA LYS B 201 -19.70 3.65 -19.27
C LYS B 201 -19.01 3.32 -17.96
N ASN B 202 -19.33 2.16 -17.37
CA ASN B 202 -18.70 1.78 -16.11
C ASN B 202 -17.27 1.29 -16.33
N VAL B 203 -17.05 0.54 -17.41
CA VAL B 203 -15.68 0.16 -17.78
C VAL B 203 -14.86 1.42 -18.07
N SER B 204 -15.48 2.40 -18.74
CA SER B 204 -14.79 3.66 -19.00
C SER B 204 -14.48 4.40 -17.71
N ASN B 205 -15.30 4.23 -16.68
CA ASN B 205 -14.98 4.81 -15.37
C ASN B 205 -13.70 4.21 -14.81
N ILE B 206 -13.58 2.88 -14.88
CA ILE B 206 -12.38 2.21 -14.39
C ILE B 206 -11.17 2.60 -15.23
N ILE B 207 -11.33 2.61 -16.57
CA ILE B 207 -10.20 2.89 -17.45
C ILE B 207 -9.74 4.33 -17.30
N ALA B 208 -10.68 5.27 -17.09
CA ALA B 208 -10.30 6.67 -16.91
C ALA B 208 -9.53 6.86 -15.61
N TRP B 209 -9.98 6.24 -14.52
CA TRP B 209 -9.24 6.33 -13.27
C TRP B 209 -7.85 5.71 -13.41
N ILE B 210 -7.75 4.58 -14.10
CA ILE B 210 -6.45 3.93 -14.29
C ILE B 210 -5.52 4.82 -15.10
N SER B 211 -6.02 5.43 -16.17
CA SER B 211 -5.18 6.29 -16.99
C SER B 211 -4.66 7.48 -16.22
N ILE B 212 -5.46 8.02 -15.27
CA ILE B 212 -4.98 9.09 -14.42
C ILE B 212 -3.86 8.58 -13.51
N ASP B 213 -4.04 7.38 -12.94
CA ASP B 213 -2.98 6.81 -12.11
C ASP B 213 -1.73 6.52 -12.94
N GLU B 214 -1.90 6.02 -14.17
CA GLU B 214 -0.75 5.72 -15.01
C GLU B 214 -0.03 7.00 -15.43
N GLN B 215 -0.78 8.08 -15.65
CA GLN B 215 -0.14 9.35 -15.99
C GLN B 215 0.71 9.86 -14.83
N ILE B 216 0.26 9.64 -13.59
CA ILE B 216 1.06 10.01 -12.43
C ILE B 216 2.29 9.12 -12.33
N HIS B 217 2.12 7.82 -12.62
CA HIS B 217 3.25 6.90 -12.57
C HIS B 217 4.31 7.26 -13.61
N ALA B 218 3.88 7.68 -14.79
CA ALA B 218 4.83 8.08 -15.83
C ALA B 218 5.56 9.36 -15.43
N ASN B 219 4.83 10.34 -14.89
CA ASN B 219 5.47 11.57 -14.43
C ASN B 219 6.40 11.32 -13.25
N GLY B 220 6.08 10.32 -12.42
CA GLY B 220 6.98 9.97 -11.34
C GLY B 220 8.25 9.34 -11.83
N GLY B 221 8.16 8.50 -12.86
CA GLY B 221 9.37 7.95 -13.47
C GLY B 221 10.18 9.01 -14.19
N ILE B 222 9.50 9.90 -14.92
CA ILE B 222 10.19 10.99 -15.61
C ILE B 222 10.91 11.89 -14.62
N TYR B 223 10.28 12.15 -13.46
CA TYR B 223 10.90 12.96 -12.43
C TYR B 223 12.25 12.40 -12.02
N ILE B 224 12.28 11.12 -11.64
CA ILE B 224 13.55 10.48 -11.31
C ILE B 224 14.50 10.53 -12.51
N ILE B 225 13.96 10.53 -13.73
CA ILE B 225 14.80 10.47 -14.92
C ILE B 225 15.45 11.83 -15.21
N ASN B 226 14.72 12.92 -15.05
CA ASN B 226 15.40 14.20 -15.27
C ASN B 226 16.09 14.71 -14.00
N LYS B 227 15.87 14.06 -12.87
CA LYS B 227 16.80 14.19 -11.75
C LYS B 227 18.05 13.34 -11.94
N ILE B 228 17.99 12.27 -12.75
CA ILE B 228 19.23 11.70 -13.26
C ILE B 228 20.02 12.79 -13.97
N ARG B 229 19.36 13.57 -14.83
CA ARG B 229 19.98 14.36 -15.87
C ARG B 229 20.47 15.75 -15.43
N LYS B 249 11.77 2.35 -31.48
CA LYS B 249 11.36 1.82 -32.76
C LYS B 249 10.83 0.40 -32.65
N ASP B 250 11.51 -0.42 -31.85
CA ASP B 250 11.12 -1.81 -31.69
C ASP B 250 9.77 -1.94 -30.97
N SER B 251 9.46 -0.98 -30.08
CA SER B 251 8.20 -1.06 -29.36
C SER B 251 7.01 -0.78 -30.27
N ILE B 252 7.17 0.10 -31.25
CA ILE B 252 6.05 0.52 -32.08
C ILE B 252 5.67 -0.58 -33.07
N ALA B 253 6.66 -1.31 -33.59
CA ALA B 253 6.37 -2.43 -34.46
C ALA B 253 5.67 -3.55 -33.69
N VAL B 254 6.06 -3.76 -32.44
CA VAL B 254 5.41 -4.80 -31.62
C VAL B 254 3.99 -4.38 -31.28
N GLU B 255 3.79 -3.12 -30.91
CA GLU B 255 2.46 -2.64 -30.56
C GLU B 255 1.53 -2.56 -31.78
N SER B 256 2.08 -2.42 -32.99
CA SER B 256 1.24 -2.42 -34.17
C SER B 256 0.75 -3.83 -34.51
N ASP B 257 1.55 -4.85 -34.21
CA ASP B 257 1.08 -6.23 -34.35
C ASP B 257 -0.04 -6.52 -33.37
N ILE B 258 0.07 -6.02 -32.13
CA ILE B 258 -0.99 -6.21 -31.15
C ILE B 258 -2.27 -5.52 -31.61
N LEU B 259 -2.13 -4.34 -32.22
CA LEU B 259 -3.29 -3.66 -32.78
C LEU B 259 -3.92 -4.47 -33.90
N ASP B 260 -3.10 -5.19 -34.67
CA ASP B 260 -3.65 -6.09 -35.69
C ASP B 260 -4.41 -7.25 -35.07
N TRP B 261 -3.95 -7.73 -33.91
CA TRP B 261 -4.63 -8.83 -33.24
C TRP B 261 -5.87 -8.36 -32.48
N ILE B 262 -5.87 -7.13 -32.00
CA ILE B 262 -7.06 -6.60 -31.30
C ILE B 262 -8.23 -6.49 -32.26
N PHE B 263 -7.98 -6.03 -33.48
CA PHE B 263 -9.00 -5.91 -34.51
C PHE B 263 -8.97 -7.08 -35.50
N GLU B 264 -8.71 -8.29 -35.01
CA GLU B 264 -8.58 -9.43 -35.91
C GLU B 264 -9.90 -9.75 -36.61
N GLU B 265 -11.03 -9.47 -35.98
CA GLU B 265 -12.34 -9.74 -36.56
C GLU B 265 -12.84 -8.58 -37.42
N GLY B 266 -11.99 -7.59 -37.69
CA GLY B 266 -12.39 -6.45 -38.49
C GLY B 266 -12.31 -5.15 -37.72
N GLU B 267 -12.13 -4.04 -38.42
CA GLU B 267 -12.08 -2.74 -37.75
C GLU B 267 -13.48 -2.28 -37.38
N ILE B 268 -13.54 -1.26 -36.52
CA ILE B 268 -14.79 -0.85 -35.90
C ILE B 268 -15.02 0.63 -36.19
N GLU B 269 -16.22 1.10 -35.81
CA GLU B 269 -16.63 2.47 -36.10
C GLU B 269 -16.05 3.46 -35.10
N SER B 270 -15.92 3.05 -33.83
CA SER B 270 -15.58 4.00 -32.78
C SER B 270 -14.11 4.44 -32.82
N ILE B 271 -13.23 3.64 -33.40
CA ILE B 271 -11.80 3.95 -33.42
C ILE B 271 -11.15 3.21 -34.57
N LYS B 272 -10.02 3.73 -35.05
CA LYS B 272 -9.26 3.13 -36.13
C LYS B 272 -7.82 2.88 -35.68
N LYS B 273 -7.19 1.89 -36.30
CA LYS B 273 -5.83 1.53 -35.90
C LYS B 273 -4.82 2.59 -36.32
N GLY B 274 -4.98 3.16 -37.52
CA GLY B 274 -4.00 4.11 -38.03
C GLY B 274 -3.83 5.31 -37.13
N ASP B 275 -4.94 5.86 -36.62
CA ASP B 275 -4.85 6.98 -35.69
C ASP B 275 -4.20 6.57 -34.38
N LEU B 276 -4.40 5.32 -33.95
CA LEU B 276 -3.82 4.87 -32.69
C LEU B 276 -2.30 4.86 -32.76
N VAL B 277 -1.73 4.49 -33.91
CA VAL B 277 -0.28 4.48 -34.05
C VAL B 277 0.27 5.89 -33.98
N ASN B 278 -0.41 6.86 -34.59
CA ASN B 278 0.03 8.24 -34.50
C ASN B 278 -0.15 8.78 -33.08
N PHE B 279 -1.29 8.47 -32.45
CA PHE B 279 -1.49 8.80 -31.04
C PHE B 279 -0.42 8.15 -30.18
N MET B 280 -0.04 6.91 -30.52
CA MET B 280 1.10 6.28 -29.88
C MET B 280 2.38 7.05 -30.14
N LYS B 281 2.60 7.44 -31.41
CA LYS B 281 3.80 8.18 -31.78
C LYS B 281 3.87 9.53 -31.09
N PHE B 282 2.72 10.17 -30.85
CA PHE B 282 2.71 11.43 -30.12
C PHE B 282 3.19 11.24 -28.68
N ARG B 283 2.54 10.34 -27.95
CA ARG B 283 2.83 10.17 -26.53
C ARG B 283 4.26 9.71 -26.27
N ILE B 284 4.91 9.10 -27.25
CA ILE B 284 6.29 8.67 -27.07
C ILE B 284 7.22 9.88 -27.09
N ASP B 285 7.11 10.72 -28.12
CA ASP B 285 7.99 11.87 -28.22
C ASP B 285 7.66 12.92 -27.16
N GLU B 286 6.37 13.13 -26.89
CA GLU B 286 5.98 14.11 -25.87
C GLU B 286 6.53 13.74 -24.50
N SER B 287 6.75 12.45 -24.25
CA SER B 287 7.43 12.02 -23.04
C SER B 287 8.94 12.13 -23.16
N LEU B 288 9.47 12.08 -24.40
CA LEU B 288 10.90 12.29 -24.61
C LEU B 288 11.28 13.76 -24.47
N LYS B 289 10.34 14.69 -24.68
CA LYS B 289 10.62 16.10 -24.45
C LYS B 289 10.91 16.35 -22.97
N GLN B 290 10.19 15.67 -22.09
CA GLN B 290 10.41 15.80 -20.65
C GLN B 290 11.79 15.28 -20.24
N ILE B 291 12.41 14.45 -21.07
CA ILE B 291 13.71 13.88 -20.76
C ILE B 291 14.77 14.42 -21.71
N ILE B 296 11.32 11.91 -32.71
CA ILE B 296 11.72 10.64 -33.30
C ILE B 296 10.55 10.10 -34.15
N PHE B 297 9.33 10.50 -33.78
CA PHE B 297 8.13 10.22 -34.57
C PHE B 297 7.31 11.50 -34.70
N ASP B 298 7.90 12.51 -35.34
CA ASP B 298 7.25 13.80 -35.50
C ASP B 298 5.91 13.66 -36.20
N VAL B 299 4.83 13.88 -35.44
CA VAL B 299 3.47 13.71 -35.95
C VAL B 299 2.87 15.07 -36.26
N LYS B 300 2.31 15.20 -37.46
CA LYS B 300 1.51 16.38 -37.79
C LYS B 300 0.25 16.39 -36.94
N VAL B 301 -0.23 17.60 -36.61
CA VAL B 301 -1.23 17.74 -35.57
C VAL B 301 -2.61 17.27 -36.04
N GLU B 302 -2.91 17.41 -37.33
CA GLU B 302 -4.13 16.84 -37.89
C GLU B 302 -3.94 15.36 -38.22
N ASP B 303 -2.77 14.80 -37.91
CA ASP B 303 -2.59 13.36 -37.85
C ASP B 303 -2.90 12.80 -36.46
N TYR B 304 -2.54 13.54 -35.41
CA TYR B 304 -2.74 13.04 -34.05
C TYR B 304 -3.99 13.61 -33.37
N LYS B 305 -4.45 14.80 -33.75
CA LYS B 305 -5.61 15.37 -33.07
C LYS B 305 -6.89 14.62 -33.37
N ALA B 306 -6.84 13.64 -34.27
CA ALA B 306 -7.94 12.68 -34.38
C ALA B 306 -8.13 11.89 -33.09
N LEU B 307 -7.10 11.82 -32.25
CA LEU B 307 -7.15 11.17 -30.96
C LEU B 307 -6.76 12.12 -29.84
N ALA B 308 -7.24 13.36 -29.92
CA ALA B 308 -7.04 14.34 -28.85
C ALA B 308 -8.20 14.39 -27.89
N TRP B 309 -9.36 13.83 -28.25
CA TRP B 309 -10.47 13.72 -27.31
C TRP B 309 -10.15 12.83 -26.13
N PHE B 310 -9.04 12.09 -26.19
CA PHE B 310 -8.67 11.17 -25.11
C PHE B 310 -8.52 11.92 -23.79
N GLU B 311 -7.72 13.00 -23.78
CA GLU B 311 -7.55 13.78 -22.57
C GLU B 311 -8.87 14.41 -22.12
N GLU B 312 -9.80 14.63 -23.05
CA GLU B 312 -11.10 15.18 -22.70
C GLU B 312 -12.04 14.09 -22.18
N GLU B 313 -12.02 12.91 -22.80
CA GLU B 313 -12.89 11.82 -22.37
C GLU B 313 -12.43 11.23 -21.05
N VAL B 314 -11.13 11.32 -20.74
CA VAL B 314 -10.64 10.85 -19.45
C VAL B 314 -11.22 11.70 -18.33
N PHE B 315 -11.30 13.01 -18.54
CA PHE B 315 -11.80 13.91 -17.49
C PHE B 315 -13.32 13.79 -17.35
N ALA B 316 -14.02 13.50 -18.44
CA ALA B 316 -15.47 13.36 -18.38
C ALA B 316 -15.89 12.09 -17.67
N ASN B 317 -15.03 11.06 -17.68
CA ASN B 317 -15.31 9.81 -17.00
C ASN B 317 -14.60 9.71 -15.66
N SER B 318 -13.78 10.70 -15.30
CA SER B 318 -13.15 10.70 -13.98
C SER B 318 -14.18 10.93 -12.88
N LEU B 319 -15.00 11.97 -13.02
CA LEU B 319 -16.10 12.23 -12.11
C LEU B 319 -17.40 12.33 -12.90
MN MN C . 2.93 1.96 10.61
MN MN D . 1.55 -1.58 11.14
MG MG E . 10.47 -5.19 -1.91
MN MN F . -0.33 -1.12 -12.91
MN MN G . 1.43 1.61 -13.46
#